data_8DSP
#
_entry.id   8DSP
#
_cell.length_a   1.00
_cell.length_b   1.00
_cell.length_c   1.00
_cell.angle_alpha   90.00
_cell.angle_beta   90.00
_cell.angle_gamma   90.00
#
_symmetry.space_group_name_H-M   'P 1'
#
_entity_poly.entity_id   1
_entity_poly.type   'polypeptide(L)'
_entity_poly.pdbx_seq_one_letter_code
;VIKTVLTYQLDGSNRDFNIPFEYLARKFVVVTLIGVDRKVLTINTDYRFATRTTISLTKAWGPADGYTTIELRRVTSTTD
RLVDFTDGSILRAYDLNVAQIQTMHVAEEARDLTTDTIGVNNDGHLDARGRRIVNLANAVDDRDAVPFGQLKTMNQNSWQ
ARNE
;
_entity_poly.pdbx_strand_id   C,E,F
#
# COMPACT_ATOMS: atom_id res chain seq x y z
N LYS A 3 -14.45 -2.01 -3.36
CA LYS A 3 -15.66 -1.26 -3.71
C LYS A 3 -15.59 -0.77 -5.15
N THR A 4 -14.46 -0.15 -5.51
CA THR A 4 -14.33 0.41 -6.85
C THR A 4 -14.36 -0.70 -7.90
N VAL A 5 -13.71 -1.82 -7.64
CA VAL A 5 -13.62 -2.93 -8.57
C VAL A 5 -14.70 -3.95 -8.22
N LEU A 6 -15.58 -4.23 -9.17
CA LEU A 6 -16.62 -5.23 -8.98
C LEU A 6 -16.77 -6.04 -10.24
N THR A 7 -16.76 -7.37 -10.10
CA THR A 7 -16.86 -8.29 -11.22
C THR A 7 -18.23 -8.95 -11.23
N TYR A 8 -18.66 -9.34 -12.43
CA TYR A 8 -19.94 -10.01 -12.61
C TYR A 8 -19.75 -11.23 -13.50
N GLN A 9 -20.38 -12.35 -13.11
CA GLN A 9 -20.42 -13.50 -13.99
C GLN A 9 -21.42 -13.26 -15.11
N LEU A 10 -21.03 -13.62 -16.33
CA LEU A 10 -21.86 -13.30 -17.48
C LEU A 10 -23.22 -13.97 -17.40
N ASP A 11 -23.25 -15.24 -16.97
CA ASP A 11 -24.50 -16.00 -16.89
C ASP A 11 -25.19 -16.05 -18.26
N GLY A 12 -24.48 -16.63 -19.23
CA GLY A 12 -25.02 -16.76 -20.57
C GLY A 12 -25.39 -15.43 -21.17
N SER A 13 -26.69 -15.18 -21.33
CA SER A 13 -27.19 -13.97 -21.96
C SER A 13 -27.66 -13.00 -20.88
N ASN A 14 -27.10 -11.80 -20.87
CA ASN A 14 -27.53 -10.75 -19.98
C ASN A 14 -27.21 -9.41 -20.62
N ARG A 15 -27.90 -8.38 -20.16
CA ARG A 15 -27.75 -7.02 -20.70
C ARG A 15 -27.26 -6.02 -19.68
N ASP A 16 -27.91 -5.93 -18.52
CA ASP A 16 -27.68 -4.86 -17.57
C ASP A 16 -26.77 -5.32 -16.44
N PHE A 17 -26.11 -4.35 -15.81
CA PHE A 17 -25.24 -4.59 -14.66
C PHE A 17 -25.21 -3.33 -13.82
N ASN A 18 -25.37 -3.48 -12.51
CA ASN A 18 -25.40 -2.33 -11.62
C ASN A 18 -24.00 -1.77 -11.41
N ILE A 19 -23.94 -0.49 -11.10
CA ILE A 19 -22.69 0.22 -10.82
C ILE A 19 -22.74 0.70 -9.38
N PRO A 20 -22.06 0.00 -8.46
CA PRO A 20 -22.17 0.38 -7.03
C PRO A 20 -21.55 1.72 -6.73
N PHE A 21 -20.31 1.91 -7.17
CA PHE A 21 -19.55 3.10 -6.82
C PHE A 21 -20.05 4.32 -7.57
N GLU A 22 -19.47 5.47 -7.25
CA GLU A 22 -19.79 6.74 -7.89
C GLU A 22 -18.68 7.11 -8.86
N TYR A 23 -19.06 7.72 -9.97
CA TYR A 23 -18.13 8.16 -10.99
C TYR A 23 -18.47 9.59 -11.38
N LEU A 24 -17.44 10.44 -11.48
CA LEU A 24 -17.65 11.83 -11.85
C LEU A 24 -17.90 11.98 -13.35
N ALA A 25 -17.26 11.16 -14.17
CA ALA A 25 -17.43 11.22 -15.61
C ALA A 25 -17.62 9.81 -16.15
N ARG A 26 -18.30 9.72 -17.29
CA ARG A 26 -18.55 8.42 -17.89
C ARG A 26 -17.26 7.72 -18.26
N LYS A 27 -16.29 8.48 -18.79
CA LYS A 27 -15.05 7.87 -19.25
C LYS A 27 -14.31 7.15 -18.12
N PHE A 28 -14.51 7.59 -16.87
CA PHE A 28 -13.78 6.99 -15.77
C PHE A 28 -14.13 5.52 -15.60
N VAL A 29 -15.41 5.18 -15.75
CA VAL A 29 -15.83 3.78 -15.61
C VAL A 29 -15.23 2.97 -16.75
N VAL A 30 -14.51 1.91 -16.41
CA VAL A 30 -13.88 1.02 -17.36
C VAL A 30 -14.46 -0.37 -17.19
N VAL A 31 -14.88 -0.99 -18.29
CA VAL A 31 -15.46 -2.32 -18.29
C VAL A 31 -14.61 -3.21 -19.16
N THR A 32 -14.19 -4.36 -18.63
CA THR A 32 -13.29 -5.27 -19.32
C THR A 32 -13.90 -6.66 -19.33
N LEU A 33 -13.74 -7.34 -20.46
CA LEU A 33 -14.18 -8.73 -20.60
C LEU A 33 -13.04 -9.62 -20.13
N ILE A 34 -13.04 -9.95 -18.84
CA ILE A 34 -11.98 -10.77 -18.25
C ILE A 34 -12.44 -12.22 -18.36
N GLY A 35 -12.21 -12.80 -19.55
CA GLY A 35 -12.49 -14.20 -19.79
C GLY A 35 -11.23 -14.96 -20.12
N VAL A 36 -11.13 -15.41 -21.37
CA VAL A 36 -9.88 -16.02 -21.83
C VAL A 36 -8.74 -15.00 -21.74
N ASP A 37 -9.01 -13.76 -22.14
CA ASP A 37 -8.07 -12.66 -21.98
C ASP A 37 -8.85 -11.43 -21.53
N ARG A 38 -8.18 -10.59 -20.75
CA ARG A 38 -8.80 -9.38 -20.23
C ARG A 38 -8.75 -8.31 -21.31
N LYS A 39 -9.90 -8.03 -21.93
CA LYS A 39 -10.01 -7.01 -22.96
C LYS A 39 -11.06 -5.99 -22.57
N VAL A 40 -10.77 -4.72 -22.83
CA VAL A 40 -11.73 -3.65 -22.59
C VAL A 40 -12.75 -3.61 -23.72
N LEU A 41 -13.84 -2.88 -23.48
CA LEU A 41 -14.84 -2.62 -24.49
C LEU A 41 -15.02 -1.11 -24.65
N THR A 42 -15.28 -0.69 -25.88
CA THR A 42 -15.39 0.73 -26.18
C THR A 42 -16.71 1.28 -25.67
N ILE A 43 -16.83 2.61 -25.61
CA ILE A 43 -18.06 3.28 -25.09
C ILE A 43 -19.00 3.53 -26.27
N ASN A 44 -20.32 3.56 -26.02
CA ASN A 44 -21.32 3.84 -27.07
C ASN A 44 -21.13 2.87 -28.23
N THR A 45 -20.68 1.64 -27.97
CA THR A 45 -20.53 0.59 -29.01
C THR A 45 -20.85 -0.75 -28.37
N ASP A 46 -20.18 -1.09 -27.26
CA ASP A 46 -20.44 -2.34 -26.50
C ASP A 46 -21.23 -1.96 -25.26
N TYR A 47 -21.07 -0.74 -24.74
CA TYR A 47 -21.86 -0.23 -23.60
C TYR A 47 -22.81 0.87 -24.05
N ARG A 48 -23.79 1.21 -23.23
CA ARG A 48 -24.73 2.33 -23.53
C ARG A 48 -25.11 2.96 -22.20
N PHE A 49 -24.29 2.78 -21.15
CA PHE A 49 -24.63 3.27 -19.79
C PHE A 49 -26.09 2.91 -19.54
N ALA A 50 -27.03 3.83 -19.77
CA ALA A 50 -28.49 3.62 -19.59
C ALA A 50 -28.97 4.57 -18.51
N THR A 51 -28.73 4.27 -17.24
CA THR A 51 -29.10 5.15 -16.11
C THR A 51 -27.91 5.24 -15.15
N ARG A 52 -27.70 6.39 -14.52
CA ARG A 52 -26.63 6.50 -13.51
C ARG A 52 -26.74 5.26 -12.62
N THR A 53 -25.63 4.61 -12.29
CA THR A 53 -25.60 3.41 -11.40
C THR A 53 -26.08 2.17 -12.16
N THR A 54 -26.07 2.18 -13.50
CA THR A 54 -26.42 0.98 -14.31
C THR A 54 -25.74 1.07 -15.68
N ILE A 55 -25.14 -0.02 -16.15
CA ILE A 55 -24.50 -0.07 -17.51
C ILE A 55 -25.34 -1.03 -18.34
N SER A 56 -25.34 -0.89 -19.67
CA SER A 56 -26.12 -1.76 -20.58
C SER A 56 -25.22 -2.32 -21.67
N LEU A 57 -25.15 -3.64 -21.80
CA LEU A 57 -24.33 -4.30 -22.84
C LEU A 57 -25.19 -4.43 -24.10
N THR A 58 -24.59 -4.27 -25.28
CA THR A 58 -25.32 -4.34 -26.57
C THR A 58 -25.50 -5.81 -26.96
N LYS A 59 -24.53 -6.67 -26.65
CA LYS A 59 -24.57 -8.08 -26.99
C LYS A 59 -24.58 -8.94 -25.74
N ALA A 60 -25.06 -10.18 -25.90
CA ALA A 60 -25.21 -11.07 -24.75
C ALA A 60 -23.87 -11.38 -24.10
N TRP A 61 -22.89 -11.81 -24.89
CA TRP A 61 -21.55 -12.13 -24.40
C TRP A 61 -21.60 -13.21 -23.32
N GLY A 62 -22.04 -14.40 -23.73
CA GLY A 62 -22.10 -15.53 -22.82
C GLY A 62 -20.79 -16.26 -22.72
N PRO A 63 -20.68 -17.14 -21.73
CA PRO A 63 -19.46 -17.96 -21.61
C PRO A 63 -19.16 -18.76 -22.85
N ALA A 64 -20.19 -19.24 -23.55
CA ALA A 64 -19.96 -19.92 -24.82
C ALA A 64 -19.27 -19.03 -25.84
N ASP A 65 -19.38 -17.71 -25.68
CA ASP A 65 -18.70 -16.78 -26.57
C ASP A 65 -17.20 -16.70 -26.29
N GLY A 66 -16.73 -17.31 -25.21
CA GLY A 66 -15.33 -17.29 -24.85
C GLY A 66 -14.96 -16.37 -23.71
N TYR A 67 -15.93 -15.68 -23.12
CA TYR A 67 -15.67 -14.75 -22.02
C TYR A 67 -16.58 -15.10 -20.84
N THR A 68 -15.97 -15.24 -19.66
CA THR A 68 -16.67 -15.74 -18.49
C THR A 68 -17.09 -14.64 -17.52
N THR A 69 -16.34 -13.55 -17.42
CA THR A 69 -16.62 -12.51 -16.45
C THR A 69 -16.34 -11.14 -17.06
N ILE A 70 -17.00 -10.13 -16.48
CA ILE A 70 -16.79 -8.74 -16.85
C ILE A 70 -16.26 -8.00 -15.63
N GLU A 71 -16.02 -6.70 -15.78
CA GLU A 71 -15.57 -5.88 -14.66
C GLU A 71 -16.13 -4.48 -14.81
N LEU A 72 -16.16 -3.75 -13.70
CA LEU A 72 -16.61 -2.38 -13.66
C LEU A 72 -15.59 -1.50 -12.96
N ARG A 73 -14.31 -1.71 -13.25
CA ARG A 73 -13.26 -0.96 -12.58
C ARG A 73 -13.38 0.52 -12.88
N ARG A 74 -13.20 1.34 -11.86
CA ARG A 74 -13.20 2.79 -12.00
C ARG A 74 -11.76 3.27 -12.14
N VAL A 75 -11.52 4.10 -13.14
CA VAL A 75 -10.20 4.67 -13.39
C VAL A 75 -10.39 6.17 -13.57
N THR A 76 -10.26 6.93 -12.48
CA THR A 76 -10.38 8.37 -12.55
C THR A 76 -9.13 8.98 -13.15
N SER A 77 -9.32 9.88 -14.11
CA SER A 77 -8.19 10.53 -14.75
C SER A 77 -7.41 11.35 -13.75
N THR A 78 -6.08 11.27 -13.84
CA THR A 78 -5.20 12.04 -12.97
C THR A 78 -4.53 13.21 -13.68
N THR A 79 -4.57 13.27 -15.01
CA THR A 79 -3.99 14.36 -15.77
C THR A 79 -5.03 15.38 -16.22
N ASP A 80 -6.31 15.00 -16.23
CA ASP A 80 -7.38 15.90 -16.61
C ASP A 80 -8.27 16.16 -15.40
N ARG A 81 -8.52 17.44 -15.14
CA ARG A 81 -9.25 17.88 -13.96
C ARG A 81 -10.62 18.34 -14.38
N LEU A 82 -11.66 17.71 -13.84
CA LEU A 82 -13.02 18.11 -14.17
C LEU A 82 -13.24 19.58 -13.85
N VAL A 83 -12.62 20.08 -12.79
CA VAL A 83 -12.75 21.45 -12.35
C VAL A 83 -11.42 22.15 -12.57
N ASP A 84 -11.45 23.26 -13.31
CA ASP A 84 -10.28 24.08 -13.57
C ASP A 84 -10.65 25.51 -13.24
N PHE A 85 -10.30 25.95 -12.04
CA PHE A 85 -10.72 27.27 -11.59
C PHE A 85 -10.09 28.36 -12.45
N THR A 86 -10.85 29.42 -12.67
CA THR A 86 -10.37 30.58 -13.42
C THR A 86 -10.80 31.85 -12.70
N ASP A 87 -10.04 32.92 -12.93
CA ASP A 87 -10.31 34.17 -12.22
C ASP A 87 -11.69 34.72 -12.57
N GLY A 88 -12.06 34.70 -13.85
CA GLY A 88 -13.32 35.24 -14.27
C GLY A 88 -14.47 34.26 -14.12
N SER A 89 -14.83 33.93 -12.89
CA SER A 89 -15.93 33.00 -12.63
C SER A 89 -16.50 33.28 -11.26
N ILE A 90 -17.75 32.83 -11.06
CA ILE A 90 -18.43 33.08 -9.80
C ILE A 90 -18.00 32.12 -8.69
N LEU A 91 -17.08 31.21 -8.97
CA LEU A 91 -16.55 30.30 -7.97
C LEU A 91 -17.67 29.47 -7.33
N ARG A 92 -18.31 28.66 -8.15
CA ARG A 92 -19.40 27.83 -7.69
C ARG A 92 -18.89 26.78 -6.71
N ALA A 93 -19.57 26.66 -5.56
CA ALA A 93 -19.12 25.72 -4.54
C ALA A 93 -19.08 24.28 -5.06
N TYR A 94 -20.04 23.93 -5.92
CA TYR A 94 -20.05 22.59 -6.49
C TYR A 94 -18.72 22.25 -7.13
N ASP A 95 -18.05 23.24 -7.73
CA ASP A 95 -16.72 23.00 -8.31
C ASP A 95 -15.73 22.58 -7.22
N LEU A 96 -15.74 23.29 -6.10
CA LEU A 96 -14.84 22.95 -4.99
C LEU A 96 -15.08 21.52 -4.54
N ASN A 97 -16.34 21.19 -4.29
CA ASN A 97 -16.67 19.86 -3.82
C ASN A 97 -16.27 18.81 -4.85
N VAL A 98 -16.47 19.10 -6.13
CA VAL A 98 -16.13 18.13 -7.17
C VAL A 98 -14.63 17.89 -7.21
N ALA A 99 -13.84 18.94 -7.07
CA ALA A 99 -12.38 18.76 -7.06
C ALA A 99 -11.97 17.87 -5.91
N GLN A 100 -12.47 18.16 -4.71
CA GLN A 100 -12.10 17.35 -3.56
C GLN A 100 -12.55 15.90 -3.75
N ILE A 101 -13.76 15.70 -4.27
CA ILE A 101 -14.26 14.34 -4.46
C ILE A 101 -13.43 13.59 -5.49
N GLN A 102 -12.98 14.29 -6.54
CA GLN A 102 -12.13 13.62 -7.53
C GLN A 102 -10.83 13.15 -6.90
N THR A 103 -10.21 14.00 -6.09
CA THR A 103 -8.96 13.58 -5.45
C THR A 103 -9.21 12.40 -4.52
N MET A 104 -10.30 12.45 -3.74
CA MET A 104 -10.60 11.34 -2.85
C MET A 104 -10.88 10.07 -3.63
N HIS A 105 -11.52 10.18 -4.80
CA HIS A 105 -11.78 9.02 -5.62
C HIS A 105 -10.48 8.39 -6.11
N VAL A 106 -9.53 9.21 -6.53
CA VAL A 106 -8.23 8.67 -6.94
C VAL A 106 -7.57 7.97 -5.77
N ALA A 107 -7.66 8.56 -4.57
CA ALA A 107 -7.08 7.94 -3.39
C ALA A 107 -7.71 6.57 -3.13
N GLU A 108 -9.04 6.49 -3.24
CA GLU A 108 -9.72 5.22 -3.04
C GLU A 108 -9.32 4.20 -4.10
N GLU A 109 -9.15 4.64 -5.34
CA GLU A 109 -8.64 3.76 -6.38
C GLU A 109 -7.30 3.17 -5.97
N ALA A 110 -6.39 4.02 -5.50
CA ALA A 110 -5.08 3.53 -5.07
C ALA A 110 -5.23 2.52 -3.93
N ARG A 111 -6.09 2.82 -2.96
CA ARG A 111 -6.28 1.93 -1.83
C ARG A 111 -6.76 0.56 -2.29
N ASP A 112 -7.80 0.53 -3.13
CA ASP A 112 -8.35 -0.75 -3.57
C ASP A 112 -7.36 -1.49 -4.45
N LEU A 113 -6.59 -0.77 -5.27
CA LEU A 113 -5.59 -1.44 -6.09
C LEU A 113 -4.54 -2.11 -5.22
N THR A 114 -4.10 -1.42 -4.16
CA THR A 114 -3.15 -2.04 -3.24
C THR A 114 -3.76 -3.28 -2.60
N THR A 115 -4.98 -3.17 -2.09
CA THR A 115 -5.62 -4.31 -1.46
C THR A 115 -5.95 -5.42 -2.45
N ASP A 116 -5.87 -5.16 -3.76
CA ASP A 116 -6.16 -6.19 -4.74
C ASP A 116 -5.27 -7.41 -4.53
N THR A 117 -3.97 -7.18 -4.34
CA THR A 117 -3.07 -8.26 -3.97
C THR A 117 -3.21 -8.53 -2.48
N ILE A 118 -2.27 -9.28 -1.90
CA ILE A 118 -2.35 -9.58 -0.49
C ILE A 118 -2.64 -8.31 0.30
N GLY A 119 -3.67 -8.38 1.14
CA GLY A 119 -4.09 -7.23 1.91
C GLY A 119 -4.43 -7.65 3.33
N VAL A 120 -4.62 -6.63 4.18
CA VAL A 120 -4.86 -6.91 5.59
C VAL A 120 -6.22 -7.58 5.77
N ASN A 121 -6.39 -8.19 6.94
CA ASN A 121 -7.62 -8.86 7.32
C ASN A 121 -8.41 -7.98 8.27
N ASN A 122 -9.67 -8.35 8.49
CA ASN A 122 -10.48 -7.63 9.47
C ASN A 122 -9.85 -7.67 10.85
N ASP A 123 -9.03 -8.67 11.13
CA ASP A 123 -8.32 -8.81 12.39
C ASP A 123 -6.86 -8.36 12.29
N GLY A 124 -6.55 -7.46 11.36
CA GLY A 124 -5.20 -6.97 11.22
C GLY A 124 -4.21 -8.04 10.84
N HIS A 125 -4.57 -8.88 9.88
CA HIS A 125 -3.72 -9.98 9.43
C HIS A 125 -3.66 -9.99 7.91
N LEU A 126 -2.55 -10.51 7.38
CA LEU A 126 -2.37 -10.59 5.95
C LEU A 126 -3.21 -11.73 5.37
N ASP A 127 -3.93 -11.44 4.30
CA ASP A 127 -4.81 -12.40 3.64
C ASP A 127 -4.09 -12.96 2.41
N ALA A 128 -3.43 -14.10 2.59
CA ALA A 128 -2.78 -14.77 1.47
C ALA A 128 -3.79 -15.34 0.48
N ARG A 129 -5.04 -15.55 0.91
CA ARG A 129 -6.11 -16.02 0.04
C ARG A 129 -5.75 -17.35 -0.62
N GLY A 130 -5.40 -18.31 0.23
CA GLY A 130 -5.16 -19.67 -0.26
C GLY A 130 -4.11 -19.74 -1.34
N ARG A 131 -3.02 -18.98 -1.19
CA ARG A 131 -1.93 -18.97 -2.14
C ARG A 131 -0.64 -19.28 -1.41
N ARG A 132 0.43 -19.45 -2.19
CA ARG A 132 1.75 -19.72 -1.65
C ARG A 132 2.76 -18.78 -2.29
N ILE A 133 3.76 -18.36 -1.50
CA ILE A 133 4.80 -17.45 -1.97
C ILE A 133 5.84 -18.29 -2.70
N VAL A 134 5.72 -18.35 -4.03
CA VAL A 134 6.59 -19.24 -4.80
C VAL A 134 8.04 -18.83 -4.67
N ASN A 135 8.31 -17.53 -4.77
CA ASN A 135 9.67 -17.01 -4.70
C ASN A 135 9.89 -16.41 -3.32
N LEU A 136 10.86 -16.94 -2.58
CA LEU A 136 11.16 -16.46 -1.24
C LEU A 136 12.62 -16.74 -0.93
N ALA A 137 13.39 -15.70 -0.64
CA ALA A 137 14.81 -15.86 -0.40
C ALA A 137 15.07 -16.48 0.97
N ASN A 138 16.31 -16.92 1.17
CA ASN A 138 16.68 -17.56 2.43
C ASN A 138 16.45 -16.61 3.60
N ALA A 139 16.04 -17.18 4.73
CA ALA A 139 15.77 -16.42 5.94
C ALA A 139 16.92 -16.61 6.91
N VAL A 140 17.43 -15.50 7.45
CA VAL A 140 18.60 -15.52 8.32
C VAL A 140 18.36 -14.71 9.58
N ASP A 141 17.10 -14.43 9.88
CA ASP A 141 16.75 -13.66 11.07
C ASP A 141 15.66 -14.38 11.85
N ASP A 142 15.49 -13.96 13.10
CA ASP A 142 14.56 -14.65 13.99
C ASP A 142 13.13 -14.56 13.46
N ARG A 143 12.75 -13.41 12.89
CA ARG A 143 11.38 -13.17 12.47
C ARG A 143 11.19 -13.31 10.96
N ASP A 144 12.18 -13.80 10.24
CA ASP A 144 12.08 -13.89 8.79
C ASP A 144 11.19 -15.05 8.39
N ALA A 145 10.74 -15.02 7.13
CA ALA A 145 9.93 -16.10 6.56
C ALA A 145 10.85 -17.12 5.92
N VAL A 146 10.76 -18.35 6.39
CA VAL A 146 11.71 -19.39 5.99
C VAL A 146 11.22 -20.04 4.69
N PRO A 147 12.06 -20.14 3.65
CA PRO A 147 11.64 -20.90 2.46
C PRO A 147 11.55 -22.38 2.75
N PHE A 148 11.24 -23.18 1.74
CA PHE A 148 11.07 -24.61 1.95
C PHE A 148 12.38 -25.36 1.91
N GLY A 149 13.38 -24.86 1.19
CA GLY A 149 14.68 -25.52 1.16
C GLY A 149 15.37 -25.48 2.51
N GLN A 150 15.32 -24.32 3.18
CA GLN A 150 15.93 -24.22 4.50
C GLN A 150 15.31 -25.23 5.45
N LEU A 151 14.00 -25.38 5.40
CA LEU A 151 13.36 -26.42 6.20
C LEU A 151 13.82 -27.81 5.76
N LYS A 152 13.99 -28.00 4.44
CA LYS A 152 14.51 -29.27 3.96
C LYS A 152 15.85 -29.59 4.60
N THR A 153 16.60 -28.56 5.01
CA THR A 153 17.90 -28.76 5.72
C THR A 153 17.68 -28.73 7.23
N MET A 154 16.52 -29.22 7.72
CA MET A 154 16.18 -29.21 9.17
C MET A 154 15.29 -30.40 9.54
N ASN A 155 14.04 -30.17 9.95
CA ASN A 155 13.11 -31.24 10.41
C ASN A 155 12.88 -32.27 9.31
N GLN A 156 13.09 -31.90 8.04
CA GLN A 156 12.96 -32.86 6.91
C GLN A 156 13.92 -34.01 7.18
N ASN A 157 15.18 -33.71 7.52
CA ASN A 157 16.18 -34.76 7.86
C ASN A 157 15.57 -35.60 8.98
N SER A 158 15.02 -34.97 10.01
CA SER A 158 14.42 -35.67 11.17
C SER A 158 13.22 -36.48 10.69
N TRP A 159 12.42 -35.90 9.80
CA TRP A 159 11.20 -36.58 9.31
C TRP A 159 11.57 -37.87 8.57
N GLN A 160 12.81 -37.97 8.09
CA GLN A 160 13.30 -39.20 7.39
C GLN A 160 14.02 -40.09 8.40
N ALA A 161 14.81 -39.51 9.31
CA ALA A 161 15.61 -40.27 10.29
C ALA A 161 14.68 -41.06 11.22
N ARG A 162 13.42 -40.65 11.35
CA ARG A 162 12.44 -41.32 12.24
C ARG A 162 11.58 -42.29 11.42
N ASN A 163 11.64 -42.17 10.10
CA ASN A 163 10.81 -43.04 9.21
C ASN A 163 11.38 -44.46 9.27
N GLU A 164 12.63 -44.60 9.71
CA GLU A 164 13.28 -45.93 9.85
C GLU A 164 13.22 -46.30 11.34
N VAL B 1 9.98 5.58 4.95
CA VAL B 1 9.23 6.47 4.02
C VAL B 1 7.87 6.78 4.64
N ILE B 2 7.21 5.80 5.25
CA ILE B 2 5.89 6.00 5.91
C ILE B 2 6.04 7.09 6.97
N LYS B 3 5.08 8.00 7.07
CA LYS B 3 5.15 9.14 8.02
C LYS B 3 3.90 9.22 8.91
N THR B 4 2.78 8.60 8.52
CA THR B 4 1.50 8.73 9.26
C THR B 4 1.22 7.43 10.03
N VAL B 5 2.16 6.49 10.07
CA VAL B 5 2.02 5.24 10.88
C VAL B 5 3.35 4.98 11.57
N LEU B 6 3.46 5.23 12.87
CA LEU B 6 4.73 5.07 13.63
C LEU B 6 4.58 3.97 14.68
N THR B 7 5.57 3.09 14.83
CA THR B 7 5.55 2.01 15.80
C THR B 7 6.67 2.20 16.82
N TYR B 8 6.29 2.32 18.08
CA TYR B 8 7.24 2.49 19.17
C TYR B 8 7.20 1.26 20.06
N GLN B 9 8.38 0.74 20.41
CA GLN B 9 8.44 -0.42 21.29
C GLN B 9 8.06 0.01 22.71
N LEU B 10 7.15 -0.74 23.32
CA LEU B 10 6.50 -0.26 24.53
C LEU B 10 7.48 -0.06 25.68
N ASP B 11 8.39 -1.01 25.87
CA ASP B 11 9.43 -0.90 26.90
C ASP B 11 8.82 -0.77 28.30
N GLY B 12 8.12 -1.82 28.70
CA GLY B 12 7.65 -1.92 30.07
C GLY B 12 6.83 -0.74 30.53
N SER B 13 7.40 0.06 31.44
CA SER B 13 6.67 1.16 32.09
C SER B 13 7.04 2.46 31.39
N ASN B 14 6.34 2.72 30.29
CA ASN B 14 6.41 4.00 29.60
C ASN B 14 5.01 4.35 29.13
N ARG B 15 4.74 5.66 29.04
CA ARG B 15 3.39 6.10 28.72
C ARG B 15 3.31 7.22 27.69
N ASP B 16 4.42 7.89 27.35
CA ASP B 16 4.39 9.03 26.45
C ASP B 16 4.95 8.64 25.10
N PHE B 17 4.21 8.95 24.04
CA PHE B 17 4.65 8.73 22.67
C PHE B 17 4.19 9.90 21.82
N ASN B 18 5.12 10.55 21.14
CA ASN B 18 4.77 11.73 20.38
C ASN B 18 4.11 11.34 19.06
N ILE B 19 3.44 12.31 18.45
CA ILE B 19 2.75 12.11 17.17
C ILE B 19 3.33 13.09 16.16
N PRO B 20 4.32 12.67 15.34
CA PRO B 20 4.94 13.56 14.38
C PRO B 20 4.01 13.91 13.21
N PHE B 21 3.06 13.04 12.88
CA PHE B 21 2.09 13.29 11.78
C PHE B 21 1.10 14.34 12.26
N GLU B 22 0.60 15.18 11.35
CA GLU B 22 -0.36 16.26 11.69
C GLU B 22 -1.78 15.74 11.51
N TYR B 23 -2.53 15.54 12.58
CA TYR B 23 -3.91 14.99 12.53
C TYR B 23 -4.91 16.14 12.55
N LEU B 24 -5.85 16.18 11.60
CA LEU B 24 -6.89 17.21 11.56
C LEU B 24 -7.77 17.14 12.80
N ALA B 25 -8.15 15.94 13.24
CA ALA B 25 -9.02 15.78 14.40
C ALA B 25 -8.49 14.65 15.26
N ARG B 26 -8.84 14.70 16.55
CA ARG B 26 -8.41 13.67 17.47
C ARG B 26 -8.94 12.30 17.05
N LYS B 27 -10.18 12.24 16.58
CA LYS B 27 -10.79 10.97 16.22
C LYS B 27 -10.06 10.29 15.07
N PHE B 28 -9.22 11.01 14.33
CA PHE B 28 -8.48 10.45 13.22
C PHE B 28 -7.16 9.80 13.65
N VAL B 29 -6.89 9.73 14.95
CA VAL B 29 -5.68 9.10 15.47
C VAL B 29 -6.10 7.84 16.21
N VAL B 30 -5.57 6.70 15.77
CA VAL B 30 -5.89 5.40 16.35
C VAL B 30 -4.60 4.79 16.89
N VAL B 31 -4.65 4.32 18.13
CA VAL B 31 -3.52 3.65 18.78
C VAL B 31 -3.90 2.19 19.01
N THR B 32 -3.05 1.28 18.56
CA THR B 32 -3.37 -0.14 18.57
C THR B 32 -2.20 -0.92 19.17
N LEU B 33 -2.32 -1.26 20.45
CA LEU B 33 -1.30 -2.08 21.11
C LEU B 33 -1.14 -3.40 20.37
N ILE B 34 0.04 -3.64 19.82
CA ILE B 34 0.33 -4.87 19.12
C ILE B 34 0.93 -5.86 20.11
N GLY B 35 0.36 -7.07 20.15
CA GLY B 35 0.84 -8.11 21.03
C GLY B 35 0.46 -9.48 20.50
N VAL B 36 -0.02 -10.34 21.39
CA VAL B 36 -0.62 -11.59 20.94
C VAL B 36 -1.78 -11.29 19.99
N ASP B 37 -2.48 -10.18 20.22
CA ASP B 37 -3.54 -9.73 19.34
C ASP B 37 -3.58 -8.21 19.39
N ARG B 38 -4.14 -7.61 18.35
CA ARG B 38 -4.20 -6.16 18.24
C ARG B 38 -5.38 -5.63 19.04
N LYS B 39 -5.11 -4.72 19.96
CA LYS B 39 -6.12 -4.10 20.80
C LYS B 39 -6.18 -2.61 20.53
N VAL B 40 -7.39 -2.07 20.48
CA VAL B 40 -7.62 -0.66 20.18
C VAL B 40 -8.09 0.03 21.45
N LEU B 41 -7.45 1.16 21.77
CA LEU B 41 -7.77 1.91 22.97
C LEU B 41 -8.85 2.95 22.68
N THR B 42 -9.24 3.70 23.71
CA THR B 42 -10.28 4.71 23.58
C THR B 42 -9.85 5.97 24.33
N ILE B 43 -10.41 7.11 23.90
CA ILE B 43 -10.06 8.37 24.50
C ILE B 43 -10.67 8.50 25.89
N ASN B 44 -9.88 8.99 26.83
CA ASN B 44 -10.28 9.31 28.21
C ASN B 44 -10.55 8.10 29.06
N THR B 45 -10.46 6.89 28.51
CA THR B 45 -10.62 5.67 29.29
C THR B 45 -9.38 4.81 29.29
N ASP B 46 -8.57 4.85 28.25
CA ASP B 46 -7.29 4.16 28.21
C ASP B 46 -6.11 5.08 28.01
N TYR B 47 -6.29 6.18 27.28
CA TYR B 47 -5.22 7.15 27.08
C TYR B 47 -5.84 8.49 26.78
N ARG B 48 -5.04 9.54 26.98
CA ARG B 48 -5.48 10.90 26.72
C ARG B 48 -4.36 11.66 26.02
N PHE B 49 -4.75 12.69 25.28
CA PHE B 49 -3.79 13.59 24.64
C PHE B 49 -3.28 14.54 25.72
N ALA B 50 -2.15 14.18 26.34
CA ALA B 50 -1.57 15.04 27.35
C ALA B 50 -1.42 16.46 26.82
N THR B 51 -0.90 16.58 25.60
CA THR B 51 -0.95 17.82 24.86
C THR B 51 -0.82 17.49 23.38
N ARG B 52 -0.92 18.51 22.55
CA ARG B 52 -0.82 18.31 21.11
C ARG B 52 0.47 17.59 20.76
N THR B 53 0.36 16.55 19.95
CA THR B 53 1.48 15.76 19.45
C THR B 53 2.02 14.76 20.46
N THR B 54 1.33 14.50 21.57
CA THR B 54 1.78 13.50 22.52
C THR B 54 0.57 12.91 23.23
N ILE B 55 0.64 11.61 23.50
CA ILE B 55 -0.44 10.87 24.15
C ILE B 55 0.13 10.13 25.35
N SER B 56 -0.58 10.20 26.47
CA SER B 56 -0.18 9.55 27.71
C SER B 56 -1.12 8.38 27.98
N LEU B 57 -0.59 7.16 27.94
CA LEU B 57 -1.38 5.99 28.28
C LEU B 57 -1.66 5.96 29.78
N THR B 58 -2.90 5.59 30.14
CA THR B 58 -3.25 5.52 31.54
C THR B 58 -2.42 4.46 32.27
N LYS B 59 -2.22 3.30 31.63
CA LYS B 59 -1.49 2.19 32.23
C LYS B 59 -0.18 1.97 31.48
N ALA B 60 0.72 1.24 32.12
CA ALA B 60 2.04 1.00 31.54
C ALA B 60 1.94 0.23 30.22
N TRP B 61 1.23 -0.90 30.24
CA TRP B 61 1.06 -1.73 29.05
C TRP B 61 2.41 -2.15 28.46
N GLY B 62 3.16 -2.92 29.24
CA GLY B 62 4.43 -3.45 28.80
C GLY B 62 4.28 -4.83 28.20
N PRO B 63 5.41 -5.45 27.85
CA PRO B 63 5.35 -6.82 27.32
C PRO B 63 4.77 -7.83 28.29
N ALA B 64 4.82 -7.55 29.60
CA ALA B 64 4.23 -8.45 30.56
C ALA B 64 2.76 -8.71 30.25
N ASP B 65 2.08 -7.73 29.64
CA ASP B 65 0.69 -7.88 29.25
C ASP B 65 0.55 -8.55 27.89
N GLY B 66 1.65 -8.94 27.24
CA GLY B 66 1.60 -9.57 25.94
C GLY B 66 1.70 -8.61 24.78
N TYR B 67 1.70 -7.29 25.03
CA TYR B 67 1.84 -6.30 23.99
C TYR B 67 3.23 -5.69 24.05
N THR B 68 3.88 -5.57 22.90
CA THR B 68 5.24 -5.06 22.82
C THR B 68 5.36 -3.69 22.16
N THR B 69 4.53 -3.39 21.17
CA THR B 69 4.59 -2.13 20.46
C THR B 69 3.22 -1.47 20.46
N ILE B 70 3.21 -0.15 20.30
CA ILE B 70 1.98 0.63 20.38
C ILE B 70 1.43 0.94 18.99
N GLU B 71 2.28 1.34 18.06
CA GLU B 71 1.90 1.55 16.67
C GLU B 71 0.66 2.46 16.56
N LEU B 72 0.86 3.71 16.97
CA LEU B 72 -0.17 4.72 16.76
C LEU B 72 -0.25 5.05 15.28
N ARG B 73 -1.48 5.20 14.78
CA ARG B 73 -1.74 5.33 13.36
C ARG B 73 -2.74 6.44 13.10
N ARG B 74 -2.67 7.03 11.91
CA ARG B 74 -3.57 8.09 11.49
C ARG B 74 -4.52 7.56 10.42
N VAL B 75 -5.79 7.89 10.55
CA VAL B 75 -6.80 7.56 9.55
C VAL B 75 -7.78 8.70 9.46
N THR B 76 -7.98 9.23 8.25
CA THR B 76 -8.90 10.34 8.02
C THR B 76 -10.14 9.82 7.32
N SER B 77 -11.31 10.08 7.91
CA SER B 77 -12.57 9.64 7.34
C SER B 77 -12.75 10.22 5.95
N THR B 78 -12.74 9.37 4.93
CA THR B 78 -12.91 9.85 3.56
C THR B 78 -14.36 10.23 3.29
N THR B 79 -15.30 9.41 3.77
CA THR B 79 -16.70 9.66 3.49
C THR B 79 -17.17 10.97 4.10
N ASP B 80 -16.78 11.24 5.34
CA ASP B 80 -17.27 12.39 6.09
C ASP B 80 -16.28 13.54 5.95
N ARG B 81 -16.78 14.69 5.54
CA ARG B 81 -15.96 15.88 5.34
C ARG B 81 -15.98 16.76 6.59
N LEU B 82 -14.84 17.34 6.93
CA LEU B 82 -14.74 18.28 8.07
C LEU B 82 -15.21 19.66 7.59
N VAL B 83 -15.11 19.94 6.28
CA VAL B 83 -15.53 21.24 5.69
C VAL B 83 -16.25 20.98 4.37
N ASP B 84 -17.48 21.45 4.23
CA ASP B 84 -18.29 21.31 2.98
C ASP B 84 -18.73 22.70 2.54
N PHE B 85 -18.34 23.14 1.34
CA PHE B 85 -18.64 24.51 0.85
C PHE B 85 -20.10 24.61 0.42
N THR B 86 -20.79 25.69 0.80
CA THR B 86 -22.22 25.91 0.45
C THR B 86 -22.31 27.06 -0.54
N ASP B 87 -23.50 27.33 -1.09
CA ASP B 87 -23.69 28.38 -2.13
C ASP B 87 -23.57 29.77 -1.51
N GLY B 88 -24.32 30.05 -0.45
CA GLY B 88 -24.32 31.40 0.14
C GLY B 88 -23.32 31.53 1.26
N SER B 89 -22.35 30.61 1.36
CA SER B 89 -21.32 30.60 2.43
C SER B 89 -20.49 31.88 2.37
N ILE B 90 -19.48 32.02 3.24
CA ILE B 90 -18.62 33.19 3.31
C ILE B 90 -17.19 32.89 2.88
N LEU B 91 -16.81 31.62 2.74
CA LEU B 91 -15.51 31.23 2.20
C LEU B 91 -14.37 31.81 3.06
N ARG B 92 -14.32 31.34 4.30
CA ARG B 92 -13.20 31.67 5.16
C ARG B 92 -11.94 30.96 4.68
N ALA B 93 -10.80 31.60 4.93
CA ALA B 93 -9.52 30.97 4.56
C ALA B 93 -9.34 29.66 5.32
N TYR B 94 -9.75 29.62 6.58
CA TYR B 94 -9.63 28.41 7.37
C TYR B 94 -10.35 27.24 6.70
N ASP B 95 -11.51 27.51 6.09
CA ASP B 95 -12.28 26.45 5.47
C ASP B 95 -11.51 25.83 4.29
N LEU B 96 -10.96 26.68 3.42
CA LEU B 96 -10.18 26.17 2.30
C LEU B 96 -8.96 25.42 2.80
N ASN B 97 -8.29 25.96 3.81
CA ASN B 97 -7.12 25.27 4.35
C ASN B 97 -7.50 23.90 4.87
N VAL B 98 -8.61 23.80 5.60
CA VAL B 98 -9.02 22.52 6.16
C VAL B 98 -9.37 21.54 5.05
N ALA B 99 -10.08 22.00 4.02
CA ALA B 99 -10.44 21.09 2.93
C ALA B 99 -9.19 20.55 2.24
N GLN B 100 -8.26 21.45 1.89
CA GLN B 100 -7.03 21.01 1.25
C GLN B 100 -6.26 20.06 2.15
N ILE B 101 -6.19 20.37 3.45
CA ILE B 101 -5.44 19.54 4.37
C ILE B 101 -6.05 18.15 4.45
N GLN B 102 -7.38 18.06 4.52
CA GLN B 102 -8.02 16.76 4.59
C GLN B 102 -7.80 15.95 3.33
N THR B 103 -7.90 16.59 2.17
CA THR B 103 -7.66 15.85 0.92
C THR B 103 -6.22 15.34 0.87
N MET B 104 -5.27 16.20 1.23
CA MET B 104 -3.87 15.78 1.21
C MET B 104 -3.63 14.68 2.22
N HIS B 105 -4.29 14.74 3.37
CA HIS B 105 -4.11 13.71 4.39
C HIS B 105 -4.68 12.37 3.93
N VAL B 106 -5.83 12.37 3.26
CA VAL B 106 -6.35 11.11 2.77
C VAL B 106 -5.44 10.56 1.67
N ALA B 107 -4.83 11.43 0.86
CA ALA B 107 -3.83 10.94 -0.08
C ALA B 107 -2.64 10.32 0.65
N GLU B 108 -2.20 10.94 1.73
CA GLU B 108 -1.15 10.34 2.55
C GLU B 108 -1.57 8.98 3.07
N GLU B 109 -2.82 8.86 3.50
CA GLU B 109 -3.31 7.57 3.97
C GLU B 109 -3.28 6.54 2.87
N ALA B 110 -3.62 6.94 1.65
CA ALA B 110 -3.54 6.03 0.52
C ALA B 110 -2.12 5.53 0.34
N ARG B 111 -1.15 6.44 0.38
CA ARG B 111 0.25 6.03 0.24
C ARG B 111 0.69 5.13 1.40
N ASP B 112 0.26 5.47 2.62
CA ASP B 112 0.63 4.68 3.78
C ASP B 112 0.10 3.26 3.66
N LEU B 113 -1.16 3.10 3.26
CA LEU B 113 -1.70 1.76 3.06
C LEU B 113 -1.02 1.06 1.89
N THR B 114 -0.67 1.81 0.86
CA THR B 114 0.13 1.24 -0.22
C THR B 114 1.37 0.55 0.34
N THR B 115 2.07 1.21 1.26
CA THR B 115 3.27 0.62 1.81
C THR B 115 2.99 -0.36 2.97
N ASP B 116 1.77 -0.38 3.51
CA ASP B 116 1.50 -1.21 4.67
C ASP B 116 1.56 -2.68 4.33
N THR B 117 0.89 -3.10 3.26
CA THR B 117 1.06 -4.46 2.78
C THR B 117 2.54 -4.74 2.55
N ILE B 118 2.90 -6.02 2.55
CA ILE B 118 4.30 -6.40 2.47
C ILE B 118 4.96 -5.67 1.31
N GLY B 119 5.99 -4.89 1.63
CA GLY B 119 6.68 -4.11 0.61
C GLY B 119 8.08 -3.79 1.07
N VAL B 120 8.89 -3.31 0.12
CA VAL B 120 10.29 -3.03 0.42
C VAL B 120 10.37 -1.94 1.47
N ASN B 121 11.12 -2.23 2.54
CA ASN B 121 11.32 -1.30 3.63
C ASN B 121 12.63 -0.55 3.44
N ASN B 122 13.05 0.19 4.47
CA ASN B 122 14.28 0.95 4.38
C ASN B 122 15.47 0.04 4.09
N ASP B 123 15.53 -1.11 4.77
CA ASP B 123 16.65 -2.02 4.60
C ASP B 123 16.65 -2.73 3.25
N GLY B 124 15.55 -2.64 2.49
CA GLY B 124 15.48 -3.30 1.21
C GLY B 124 14.88 -4.69 1.23
N HIS B 125 14.30 -5.11 2.36
CA HIS B 125 13.70 -6.46 2.51
C HIS B 125 12.18 -6.35 2.63
N LEU B 126 11.42 -7.24 1.99
CA LEU B 126 9.95 -7.26 2.13
C LEU B 126 9.66 -7.22 3.63
N ASP B 127 8.78 -6.33 4.08
CA ASP B 127 8.52 -6.13 5.53
C ASP B 127 7.10 -6.57 5.86
N ALA B 128 6.92 -7.38 6.90
CA ALA B 128 5.59 -7.87 7.33
C ALA B 128 4.97 -6.86 8.29
N ARG B 129 5.66 -5.74 8.55
CA ARG B 129 5.16 -4.68 9.45
C ARG B 129 4.66 -5.33 10.74
N GLY B 130 5.39 -6.31 11.26
CA GLY B 130 5.02 -6.99 12.51
C GLY B 130 3.63 -7.57 12.41
N ARG B 131 3.22 -8.01 11.23
CA ARG B 131 1.88 -8.58 11.00
C ARG B 131 2.04 -10.06 10.64
N ARG B 132 0.95 -10.85 10.65
CA ARG B 132 1.03 -12.32 10.45
C ARG B 132 0.26 -12.81 9.22
N ILE B 133 0.91 -13.45 8.25
CA ILE B 133 0.18 -14.08 7.11
C ILE B 133 -0.78 -15.04 7.80
N VAL B 134 -2.08 -15.02 7.49
CA VAL B 134 -3.06 -15.80 8.31
C VAL B 134 -3.89 -16.82 7.54
N ASN B 135 -4.49 -16.50 6.39
CA ASN B 135 -5.45 -17.45 5.74
C ASN B 135 -4.79 -18.35 4.71
N LEU B 136 -4.66 -19.64 5.02
CA LEU B 136 -4.16 -20.67 4.06
C LEU B 136 -2.74 -20.44 3.55
N ALA B 137 -2.25 -21.34 2.68
CA ALA B 137 -0.90 -21.30 2.06
C ALA B 137 -0.25 -22.67 2.26
N ASN B 138 0.40 -23.23 1.24
CA ASN B 138 1.13 -24.52 1.37
C ASN B 138 2.39 -24.49 0.50
N ALA B 139 3.38 -25.32 0.81
CA ALA B 139 4.66 -25.39 0.07
C ALA B 139 4.62 -26.53 -0.94
N VAL B 140 5.42 -26.45 -2.01
CA VAL B 140 5.52 -27.52 -3.03
C VAL B 140 6.96 -27.55 -3.54
N ASP B 141 7.48 -26.43 -4.05
CA ASP B 141 8.87 -26.31 -4.46
C ASP B 141 9.75 -25.93 -3.27
N ASP B 142 10.98 -26.42 -3.28
CA ASP B 142 11.91 -26.13 -2.19
C ASP B 142 12.15 -24.64 -2.03
N ARG B 143 11.93 -23.86 -3.08
CA ARG B 143 12.19 -22.43 -3.08
C ARG B 143 11.03 -21.62 -2.53
N ASP B 144 9.86 -22.25 -2.32
CA ASP B 144 8.66 -21.53 -1.93
C ASP B 144 8.63 -21.33 -0.41
N ALA B 145 7.54 -20.76 0.08
CA ALA B 145 7.33 -20.53 1.50
C ALA B 145 6.58 -21.71 2.11
N VAL B 146 6.66 -21.83 3.43
CA VAL B 146 6.15 -22.99 4.17
C VAL B 146 5.05 -22.51 5.11
N PRO B 147 3.87 -23.12 5.09
CA PRO B 147 2.88 -22.81 6.12
C PRO B 147 3.25 -23.46 7.44
N PHE B 148 2.58 -23.01 8.50
CA PHE B 148 2.85 -23.58 9.81
C PHE B 148 2.20 -24.95 9.96
N GLY B 149 1.04 -25.15 9.34
CA GLY B 149 0.35 -26.43 9.47
C GLY B 149 1.16 -27.58 8.90
N GLN B 150 1.83 -27.34 7.79
CA GLN B 150 2.69 -28.38 7.21
C GLN B 150 3.77 -28.79 8.20
N LEU B 151 4.39 -27.80 8.85
CA LEU B 151 5.42 -28.11 9.84
C LEU B 151 4.83 -28.80 11.05
N LYS B 152 3.62 -28.41 11.46
CA LYS B 152 2.96 -29.08 12.56
C LYS B 152 2.76 -30.55 12.26
N THR B 153 2.29 -30.87 11.05
CA THR B 153 2.15 -32.27 10.67
C THR B 153 3.51 -32.96 10.62
N MET B 154 4.51 -32.29 10.05
CA MET B 154 5.85 -32.86 9.99
C MET B 154 6.39 -33.21 11.36
N ASN B 155 6.05 -32.43 12.39
CA ASN B 155 6.47 -32.72 13.74
C ASN B 155 5.63 -33.80 14.42
N GLN B 156 4.30 -33.70 14.30
CA GLN B 156 3.44 -34.61 15.04
C GLN B 156 3.52 -36.02 14.48
N ASN B 157 3.64 -36.16 13.16
CA ASN B 157 3.79 -37.48 12.59
C ASN B 157 5.08 -38.13 13.09
N SER B 158 6.17 -37.37 13.16
CA SER B 158 7.42 -37.92 13.67
C SER B 158 7.27 -38.30 15.14
N TRP B 159 6.60 -37.47 15.94
CA TRP B 159 6.40 -37.80 17.34
C TRP B 159 5.62 -39.11 17.50
N GLN B 160 4.50 -39.23 16.79
CA GLN B 160 3.70 -40.44 16.92
C GLN B 160 4.44 -41.64 16.37
N ALA B 161 5.29 -41.43 15.36
CA ALA B 161 6.12 -42.51 14.86
C ALA B 161 7.09 -42.99 15.94
N ARG B 162 7.75 -42.07 16.62
CA ARG B 162 8.60 -42.46 17.72
C ARG B 162 7.81 -43.18 18.79
N ASN B 163 6.56 -42.77 19.01
CA ASN B 163 5.75 -43.35 20.07
C ASN B 163 5.39 -44.81 19.81
N GLU B 164 5.86 -45.40 18.73
CA GLU B 164 5.59 -46.81 18.45
C GLU B 164 6.80 -47.66 18.84
N VAL C 1 -1.43 6.45 -16.85
CA VAL C 1 -0.74 5.83 -17.96
C VAL C 1 0.76 6.10 -17.86
N ILE C 2 1.13 7.17 -17.16
CA ILE C 2 2.51 7.57 -16.96
C ILE C 2 2.88 7.26 -15.52
N LYS C 3 3.86 6.39 -15.34
CA LYS C 3 4.31 6.01 -14.01
C LYS C 3 5.26 7.07 -13.45
N THR C 4 5.71 6.86 -12.22
CA THR C 4 6.61 7.78 -11.54
C THR C 4 7.71 7.02 -10.81
N VAL C 5 8.28 6.00 -11.46
CA VAL C 5 9.39 5.26 -10.88
C VAL C 5 10.56 5.24 -11.86
N LEU C 6 10.29 4.83 -13.10
CA LEU C 6 11.26 4.92 -14.19
C LEU C 6 12.64 4.42 -13.77
N THR C 7 12.68 3.12 -13.48
CA THR C 7 13.95 2.46 -13.18
C THR C 7 14.81 2.41 -14.45
N TYR C 8 15.88 3.20 -14.47
CA TYR C 8 16.75 3.30 -15.62
C TYR C 8 17.93 2.35 -15.46
N GLN C 9 18.88 2.42 -16.39
CA GLN C 9 20.07 1.59 -16.39
C GLN C 9 21.31 2.46 -16.45
N LEU C 10 22.27 2.19 -15.57
CA LEU C 10 23.49 2.99 -15.55
C LEU C 10 24.39 2.67 -16.75
N ASP C 11 24.54 1.38 -17.06
CA ASP C 11 25.27 0.89 -18.23
C ASP C 11 26.53 1.70 -18.53
N GLY C 12 27.25 2.08 -17.51
CA GLY C 12 28.56 2.72 -17.69
C GLY C 12 28.44 4.24 -17.68
N SER C 13 28.82 4.86 -18.79
CA SER C 13 28.85 6.31 -18.92
C SER C 13 27.58 6.77 -19.62
N ASN C 14 26.66 7.32 -18.84
CA ASN C 14 25.45 7.94 -19.39
C ASN C 14 24.94 8.92 -18.34
N ARG C 15 25.04 10.22 -18.63
CA ARG C 15 24.84 11.26 -17.64
C ARG C 15 23.46 11.90 -17.70
N ASP C 16 22.75 11.79 -18.82
CA ASP C 16 21.47 12.43 -19.00
C ASP C 16 20.35 11.44 -18.74
N PHE C 17 19.22 11.97 -18.27
CA PHE C 17 18.05 11.14 -18.03
C PHE C 17 16.79 11.99 -18.19
N ASN C 18 15.69 11.32 -18.46
CA ASN C 18 14.42 11.97 -18.78
C ASN C 18 13.43 11.79 -17.64
N ILE C 19 12.41 12.64 -17.64
CA ILE C 19 11.36 12.60 -16.63
C ILE C 19 10.00 12.56 -17.32
N PRO C 20 9.44 11.38 -17.58
CA PRO C 20 8.15 11.33 -18.28
C PRO C 20 7.04 12.06 -17.55
N PHE C 21 7.05 12.03 -16.22
CA PHE C 21 6.00 12.67 -15.44
C PHE C 21 6.28 14.17 -15.33
N GLU C 22 5.40 14.86 -14.59
CA GLU C 22 5.54 16.29 -14.35
C GLU C 22 5.47 16.57 -12.86
N TYR C 23 6.26 17.54 -12.42
CA TYR C 23 6.41 17.86 -11.01
C TYR C 23 6.15 19.35 -10.79
N LEU C 24 5.97 19.72 -9.54
CA LEU C 24 5.74 21.12 -9.15
C LEU C 24 7.03 21.81 -8.73
N ALA C 25 7.81 21.19 -7.85
CA ALA C 25 9.04 21.76 -7.34
C ALA C 25 10.18 20.78 -7.58
N ARG C 26 11.38 21.33 -7.76
CA ARG C 26 12.54 20.48 -8.02
C ARG C 26 12.71 19.44 -6.92
N LYS C 27 12.50 19.84 -5.66
CA LYS C 27 12.75 18.95 -4.54
C LYS C 27 11.87 17.71 -4.58
N PHE C 28 10.74 17.75 -5.28
CA PHE C 28 9.84 16.61 -5.32
C PHE C 28 10.38 15.46 -6.15
N VAL C 29 11.46 15.65 -6.90
CA VAL C 29 12.05 14.60 -7.71
C VAL C 29 13.19 13.99 -6.90
N VAL C 30 13.03 12.73 -6.52
CA VAL C 30 14.02 12.00 -5.74
C VAL C 30 14.64 10.93 -6.63
N VAL C 31 15.96 10.91 -6.71
CA VAL C 31 16.70 9.95 -7.53
C VAL C 31 17.72 9.26 -6.66
N THR C 32 17.65 7.94 -6.58
CA THR C 32 18.54 7.14 -5.74
C THR C 32 19.24 6.10 -6.60
N LEU C 33 20.57 6.14 -6.61
CA LEU C 33 21.33 5.11 -7.32
C LEU C 33 21.03 3.75 -6.71
N ILE C 34 20.90 2.75 -7.56
CA ILE C 34 20.46 1.43 -7.15
C ILE C 34 21.53 0.41 -7.54
N GLY C 35 21.61 -0.66 -6.73
CA GLY C 35 22.61 -1.68 -6.92
C GLY C 35 22.75 -2.54 -5.68
N VAL C 36 23.98 -2.72 -5.21
CA VAL C 36 24.18 -3.41 -3.95
C VAL C 36 23.41 -2.72 -2.84
N ASP C 37 23.26 -1.40 -2.93
CA ASP C 37 22.46 -0.64 -1.98
C ASP C 37 21.82 0.52 -2.72
N ARG C 38 20.99 1.26 -1.98
CA ARG C 38 20.33 2.46 -2.51
C ARG C 38 20.84 3.68 -1.75
N LYS C 39 21.24 4.70 -2.49
CA LYS C 39 21.71 5.95 -1.91
C LYS C 39 21.02 7.12 -2.60
N VAL C 40 20.56 8.07 -1.81
CA VAL C 40 19.94 9.28 -2.34
C VAL C 40 21.04 10.24 -2.79
N LEU C 41 20.70 11.09 -3.75
CA LEU C 41 21.64 12.03 -4.34
C LEU C 41 21.14 13.45 -4.14
N THR C 42 22.07 14.40 -4.12
CA THR C 42 21.78 15.78 -3.79
C THR C 42 21.71 16.64 -5.06
N ILE C 43 21.61 17.96 -4.87
CA ILE C 43 21.50 18.91 -5.96
C ILE C 43 22.83 19.65 -6.09
N ASN C 44 23.13 20.07 -7.32
CA ASN C 44 24.32 20.89 -7.59
C ASN C 44 25.60 20.10 -7.48
N THR C 45 25.51 18.85 -7.05
CA THR C 45 26.65 17.95 -7.01
C THR C 45 26.35 16.58 -7.62
N ASP C 46 25.10 16.14 -7.62
CA ASP C 46 24.68 14.93 -8.29
C ASP C 46 23.65 15.18 -9.38
N TYR C 47 22.68 16.05 -9.13
CA TYR C 47 21.67 16.40 -10.12
C TYR C 47 22.04 17.72 -10.78
N ARG C 48 21.40 17.97 -11.91
CA ARG C 48 21.33 19.31 -12.47
C ARG C 48 20.23 19.32 -13.52
N PHE C 49 19.22 20.18 -13.34
CA PHE C 49 18.11 20.25 -14.27
C PHE C 49 18.55 21.05 -15.48
N ALA C 50 19.26 20.37 -16.38
CA ALA C 50 19.69 21.01 -17.62
C ALA C 50 18.51 21.66 -18.32
N THR C 51 17.38 20.96 -18.37
CA THR C 51 16.13 21.51 -18.85
C THR C 51 15.00 20.83 -18.10
N ARG C 52 13.83 21.44 -18.14
CA ARG C 52 12.64 20.79 -17.60
C ARG C 52 12.57 19.35 -18.09
N THR C 53 12.55 18.41 -17.16
CA THR C 53 12.49 16.98 -17.48
C THR C 53 13.80 16.47 -18.05
N THR C 54 14.93 16.93 -17.52
CA THR C 54 16.23 16.40 -17.92
C THR C 54 17.18 16.48 -16.73
N ILE C 55 17.44 15.34 -16.10
CA ILE C 55 18.36 15.24 -14.97
C ILE C 55 19.74 14.92 -15.51
N SER C 56 20.74 15.67 -15.06
CA SER C 56 22.13 15.47 -15.46
C SER C 56 22.94 15.00 -14.27
N LEU C 57 23.68 13.91 -14.46
CA LEU C 57 24.52 13.36 -13.40
C LEU C 57 25.94 13.93 -13.53
N THR C 58 26.49 14.39 -12.42
CA THR C 58 27.82 15.00 -12.45
C THR C 58 28.91 13.96 -12.68
N LYS C 59 28.74 12.76 -12.13
CA LYS C 59 29.71 11.69 -12.27
C LYS C 59 29.13 10.60 -13.19
N ALA C 60 30.02 9.94 -13.91
CA ALA C 60 29.58 8.94 -14.89
C ALA C 60 28.72 7.87 -14.22
N TRP C 61 29.17 7.35 -13.08
CA TRP C 61 28.41 6.37 -12.31
C TRP C 61 28.10 5.12 -13.14
N GLY C 62 29.17 4.40 -13.48
CA GLY C 62 29.04 3.12 -14.13
C GLY C 62 28.82 2.01 -13.12
N PRO C 63 28.61 0.79 -13.64
CA PRO C 63 28.45 -0.37 -12.75
C PRO C 63 29.69 -0.66 -11.93
N ALA C 64 30.86 -0.20 -12.37
CA ALA C 64 32.08 -0.44 -11.60
C ALA C 64 31.92 0.05 -10.17
N ASP C 65 31.29 1.21 -9.99
CA ASP C 65 31.03 1.72 -8.64
C ASP C 65 30.05 0.84 -7.87
N GLY C 66 29.33 -0.05 -8.54
CA GLY C 66 28.42 -0.95 -7.87
C GLY C 66 26.97 -0.49 -7.91
N TYR C 67 26.50 -0.09 -9.08
CA TYR C 67 25.11 0.36 -9.21
C TYR C 67 24.62 -0.03 -10.60
N THR C 68 23.30 -0.23 -10.71
CA THR C 68 22.73 -0.80 -11.92
C THR C 68 21.56 0.01 -12.45
N THR C 69 20.82 0.70 -11.58
CA THR C 69 19.65 1.46 -12.01
C THR C 69 19.56 2.76 -11.22
N ILE C 70 18.77 3.69 -11.75
CA ILE C 70 18.63 5.03 -11.19
C ILE C 70 17.32 5.20 -10.44
N GLU C 71 16.21 4.79 -11.05
CA GLU C 71 14.90 4.84 -10.40
C GLU C 71 14.52 6.28 -10.03
N LEU C 72 14.32 7.08 -11.07
CA LEU C 72 13.78 8.43 -10.91
C LEU C 72 12.37 8.37 -10.35
N ARG C 73 12.20 8.80 -9.11
CA ARG C 73 10.91 8.75 -8.43
C ARG C 73 10.42 10.16 -8.15
N ARG C 74 9.10 10.32 -8.15
CA ARG C 74 8.45 11.57 -7.79
C ARG C 74 7.82 11.42 -6.40
N VAL C 75 8.15 12.36 -5.51
CA VAL C 75 7.61 12.36 -4.17
C VAL C 75 7.24 13.78 -3.80
N THR C 76 5.95 14.09 -3.84
CA THR C 76 5.47 15.43 -3.50
C THR C 76 5.29 15.53 -2.00
N SER C 77 6.06 16.42 -1.36
CA SER C 77 5.99 16.58 0.07
C SER C 77 4.57 16.97 0.49
N THR C 78 4.08 16.29 1.53
CA THR C 78 2.76 16.57 2.06
C THR C 78 2.79 17.68 3.10
N THR C 79 3.74 17.63 4.04
CA THR C 79 3.80 18.65 5.06
C THR C 79 4.04 20.03 4.45
N ASP C 80 4.94 20.11 3.48
CA ASP C 80 5.26 21.38 2.83
C ASP C 80 4.33 21.60 1.63
N ARG C 81 3.07 21.82 1.94
CA ARG C 81 2.10 22.13 0.90
C ARG C 81 2.46 23.46 0.23
N LEU C 82 2.29 23.51 -1.09
CA LEU C 82 2.78 24.65 -1.85
C LEU C 82 2.12 25.95 -1.41
N VAL C 83 0.81 25.94 -1.21
CA VAL C 83 0.05 27.15 -0.95
C VAL C 83 -0.69 27.00 0.37
N ASP C 84 -0.67 28.06 1.18
CA ASP C 84 -1.37 28.11 2.46
C ASP C 84 -2.21 29.39 2.48
N PHE C 85 -3.51 29.24 2.32
CA PHE C 85 -4.38 30.40 2.25
C PHE C 85 -4.30 31.20 3.54
N THR C 86 -4.20 32.52 3.40
CA THR C 86 -4.13 33.44 4.53
C THR C 86 -5.41 34.26 4.62
N ASP C 87 -5.51 35.02 5.71
CA ASP C 87 -6.73 35.76 5.98
C ASP C 87 -6.94 36.89 4.97
N GLY C 88 -5.91 37.69 4.74
CA GLY C 88 -6.02 38.87 3.90
C GLY C 88 -5.67 38.69 2.44
N SER C 89 -5.49 37.46 1.98
CA SER C 89 -5.09 37.24 0.60
C SER C 89 -6.23 37.60 -0.35
N ILE C 90 -5.97 37.46 -1.65
CA ILE C 90 -6.94 37.79 -2.68
C ILE C 90 -7.64 36.56 -3.24
N LEU C 91 -7.17 35.35 -2.92
CA LEU C 91 -7.78 34.11 -3.38
C LEU C 91 -7.80 34.06 -4.91
N ARG C 92 -6.60 34.03 -5.49
CA ARG C 92 -6.48 33.81 -6.92
C ARG C 92 -6.75 32.36 -7.26
N ALA C 93 -7.40 32.13 -8.40
CA ALA C 93 -7.69 30.76 -8.80
C ALA C 93 -6.44 29.92 -8.91
N TYR C 94 -5.30 30.56 -9.16
CA TYR C 94 -4.04 29.83 -9.27
C TYR C 94 -3.74 29.05 -8.00
N ASP C 95 -4.06 29.63 -6.84
CA ASP C 95 -3.81 28.93 -5.58
C ASP C 95 -4.63 27.65 -5.50
N LEU C 96 -5.92 27.73 -5.83
CA LEU C 96 -6.76 26.53 -5.81
C LEU C 96 -6.24 25.49 -6.78
N ASN C 97 -5.86 25.92 -7.98
CA ASN C 97 -5.34 24.97 -8.96
C ASN C 97 -4.08 24.30 -8.44
N VAL C 98 -3.19 25.07 -7.82
CA VAL C 98 -1.94 24.50 -7.32
C VAL C 98 -2.23 23.47 -6.23
N ALA C 99 -3.13 23.82 -5.30
CA ALA C 99 -3.45 22.89 -4.22
C ALA C 99 -4.03 21.59 -4.76
N GLN C 100 -4.99 21.70 -5.67
CA GLN C 100 -5.63 20.51 -6.21
C GLN C 100 -4.63 19.68 -7.00
N ILE C 101 -3.75 20.33 -7.76
CA ILE C 101 -2.70 19.61 -8.47
C ILE C 101 -1.81 18.85 -7.50
N GLN C 102 -1.43 19.49 -6.40
CA GLN C 102 -0.53 18.83 -5.45
C GLN C 102 -1.19 17.58 -4.86
N THR C 103 -2.45 17.70 -4.46
CA THR C 103 -3.13 16.55 -3.88
C THR C 103 -3.28 15.44 -4.91
N MET C 104 -3.63 15.80 -6.16
CA MET C 104 -3.73 14.80 -7.21
C MET C 104 -2.40 14.11 -7.44
N HIS C 105 -1.30 14.88 -7.39
CA HIS C 105 0.01 14.31 -7.58
C HIS C 105 0.33 13.31 -6.48
N VAL C 106 -0.03 13.63 -5.24
CA VAL C 106 0.21 12.69 -4.15
C VAL C 106 -0.56 11.40 -4.40
N ALA C 107 -1.83 11.52 -4.82
CA ALA C 107 -2.64 10.32 -5.08
C ALA C 107 -2.04 9.49 -6.21
N GLU C 108 -1.60 10.15 -7.29
CA GLU C 108 -1.00 9.42 -8.40
C GLU C 108 0.28 8.72 -7.98
N GLU C 109 1.09 9.39 -7.15
CA GLU C 109 2.28 8.74 -6.62
C GLU C 109 1.92 7.53 -5.80
N ALA C 110 0.74 7.53 -5.17
CA ALA C 110 0.27 6.37 -4.34
C ALA C 110 0.00 5.16 -5.23
N ARG C 111 -0.77 5.32 -6.30
CA ARG C 111 -1.13 4.20 -7.22
C ARG C 111 0.14 3.57 -7.79
N ASP C 112 1.13 4.39 -8.16
CA ASP C 112 2.38 3.89 -8.77
C ASP C 112 3.18 3.11 -7.73
N LEU C 113 3.16 3.55 -6.46
CA LEU C 113 3.93 2.89 -5.37
C LEU C 113 3.41 1.48 -5.13
N THR C 114 2.09 1.29 -5.16
CA THR C 114 1.47 -0.04 -4.89
C THR C 114 1.87 -1.02 -5.99
N THR C 115 2.14 -0.53 -7.21
CA THR C 115 2.60 -1.40 -8.33
C THR C 115 4.11 -1.58 -8.18
N ASP C 116 4.74 -0.88 -7.23
CA ASP C 116 6.20 -0.96 -6.99
C ASP C 116 6.44 -1.75 -5.70
N THR C 117 5.41 -2.36 -5.12
CA THR C 117 5.52 -3.19 -3.89
C THR C 117 5.44 -4.67 -4.29
N ILE C 118 5.14 -5.56 -3.35
CA ILE C 118 5.06 -7.03 -3.60
C ILE C 118 4.33 -7.31 -4.91
N GLY C 119 4.96 -8.01 -5.87
CA GLY C 119 4.31 -8.46 -7.08
C GLY C 119 3.58 -9.78 -6.90
N VAL C 120 2.87 -10.18 -7.95
CA VAL C 120 2.13 -11.43 -7.98
C VAL C 120 2.54 -12.20 -9.22
N ASN C 121 2.82 -13.49 -9.05
CA ASN C 121 3.26 -14.31 -10.16
C ASN C 121 2.15 -14.46 -11.19
N ASN C 122 2.57 -14.71 -12.44
CA ASN C 122 1.60 -14.84 -13.53
C ASN C 122 0.65 -16.01 -13.29
N ASP C 123 1.06 -16.99 -12.51
CA ASP C 123 0.25 -18.17 -12.24
C ASP C 123 -0.74 -17.96 -11.11
N GLY C 124 -0.79 -16.78 -10.51
CA GLY C 124 -1.67 -16.52 -9.40
C GLY C 124 -1.05 -16.69 -8.03
N HIS C 125 0.27 -16.80 -7.94
CA HIS C 125 0.98 -16.97 -6.68
C HIS C 125 1.80 -15.73 -6.37
N LEU C 126 1.92 -15.42 -5.08
CA LEU C 126 2.73 -14.30 -4.65
C LEU C 126 4.20 -14.59 -4.91
N ASP C 127 4.92 -13.58 -5.41
CA ASP C 127 6.33 -13.71 -5.74
C ASP C 127 7.11 -12.61 -5.03
N ALA C 128 8.14 -13.00 -4.30
CA ALA C 128 8.99 -12.05 -3.58
C ALA C 128 10.17 -11.56 -4.42
N ARG C 129 10.34 -12.08 -5.63
CA ARG C 129 11.42 -11.64 -6.52
C ARG C 129 12.77 -11.76 -5.84
N GLY C 130 12.97 -12.83 -5.07
CA GLY C 130 14.25 -13.08 -4.45
C GLY C 130 14.52 -12.31 -3.19
N ARG C 131 13.52 -11.71 -2.59
CA ARG C 131 13.67 -11.00 -1.32
C ARG C 131 13.30 -11.92 -0.16
N ARG C 132 13.51 -11.41 1.04
CA ARG C 132 13.24 -12.15 2.27
C ARG C 132 12.30 -11.34 3.16
N ILE C 133 11.20 -11.97 3.57
CA ILE C 133 10.27 -11.30 4.47
C ILE C 133 10.88 -11.23 5.86
N VAL C 134 10.58 -10.15 6.57
CA VAL C 134 11.16 -9.90 7.88
C VAL C 134 10.09 -9.42 8.85
N ASN C 135 10.42 -9.51 10.14
CA ASN C 135 9.59 -9.03 11.25
C ASN C 135 8.11 -9.28 10.99
N LEU C 136 7.78 -10.56 10.82
CA LEU C 136 6.39 -11.01 10.74
C LEU C 136 6.02 -11.67 12.06
N ALA C 137 4.87 -11.30 12.61
CA ALA C 137 4.47 -11.78 13.92
C ALA C 137 4.42 -13.30 13.95
N ASN C 138 5.02 -13.88 14.99
CA ASN C 138 5.04 -15.33 15.15
C ASN C 138 3.86 -15.77 16.01
N ALA C 139 2.67 -15.39 15.56
CA ALA C 139 1.42 -15.76 16.20
C ALA C 139 0.77 -16.87 15.41
N VAL C 140 0.38 -17.94 16.11
CA VAL C 140 -0.02 -19.17 15.44
C VAL C 140 -1.39 -19.62 15.93
N ASP C 141 -2.24 -18.66 16.29
CA ASP C 141 -3.61 -19.01 16.65
C ASP C 141 -4.27 -19.81 15.53
N ASP C 142 -3.89 -19.54 14.29
CA ASP C 142 -4.38 -20.29 13.15
C ASP C 142 -3.49 -21.51 12.91
N ARG C 143 -3.70 -22.19 11.79
CA ARG C 143 -2.89 -23.35 11.42
C ARG C 143 -1.72 -23.00 10.50
N ASP C 144 -1.60 -21.74 10.06
CA ASP C 144 -0.58 -21.36 9.09
C ASP C 144 0.09 -20.06 9.50
N ALA C 145 1.40 -20.01 9.27
CA ALA C 145 2.24 -18.84 9.48
C ALA C 145 3.60 -19.19 8.89
N VAL C 146 4.57 -18.29 9.04
CA VAL C 146 5.92 -18.62 8.59
C VAL C 146 6.97 -17.76 9.30
N PRO C 147 7.05 -17.78 10.63
CA PRO C 147 8.21 -17.20 11.30
C PRO C 147 9.35 -18.20 11.37
N PHE C 148 10.50 -17.70 11.81
CA PHE C 148 11.71 -18.52 11.87
C PHE C 148 12.05 -19.00 13.27
N GLY C 149 11.73 -18.21 14.29
CA GLY C 149 12.10 -18.59 15.66
C GLY C 149 11.39 -19.85 16.12
N GLN C 150 10.06 -19.89 15.97
CA GLN C 150 9.34 -21.08 16.40
C GLN C 150 9.70 -22.25 15.49
N LEU C 151 10.03 -21.96 14.23
CA LEU C 151 10.56 -23.01 13.37
C LEU C 151 11.80 -23.64 13.98
N LYS C 152 12.73 -22.81 14.46
CA LYS C 152 13.92 -23.35 15.09
C LYS C 152 13.58 -24.17 16.33
N THR C 153 12.69 -23.65 17.17
CA THR C 153 12.36 -24.34 18.41
C THR C 153 11.72 -25.69 18.13
N MET C 154 10.75 -25.72 17.20
CA MET C 154 10.07 -26.97 16.91
C MET C 154 10.97 -27.90 16.10
N ASN C 155 11.96 -27.34 15.38
CA ASN C 155 12.98 -28.18 14.78
C ASN C 155 13.77 -28.90 15.85
N GLN C 156 14.16 -28.18 16.90
CA GLN C 156 14.84 -28.83 18.03
C GLN C 156 13.95 -29.91 18.62
N ASN C 157 12.67 -29.60 18.80
CA ASN C 157 11.74 -30.59 19.36
C ASN C 157 11.67 -31.84 18.51
N SER C 158 11.46 -31.68 17.19
CA SER C 158 11.37 -32.84 16.31
C SER C 158 12.67 -33.61 16.27
N TRP C 159 13.80 -32.91 16.26
CA TRP C 159 15.09 -33.57 16.19
C TRP C 159 15.35 -34.41 17.43
N GLN C 160 15.06 -33.88 18.62
CA GLN C 160 15.27 -34.68 19.82
C GLN C 160 14.23 -35.81 19.90
N ALA C 161 13.02 -35.57 19.40
CA ALA C 161 12.05 -36.66 19.34
C ALA C 161 12.56 -37.80 18.49
N ARG C 162 13.15 -37.48 17.33
CA ARG C 162 13.77 -38.51 16.51
C ARG C 162 14.91 -39.19 17.26
N ASN C 163 15.77 -38.40 17.90
CA ASN C 163 16.88 -38.98 18.66
C ASN C 163 16.39 -39.90 19.76
N GLU C 164 15.17 -39.73 20.22
CA GLU C 164 14.60 -40.64 21.20
C GLU C 164 14.66 -42.07 20.68
#